data_9HNF
#
_entry.id   9HNF
#
_cell.length_a   80.900
_cell.length_b   138.480
_cell.length_c   136.360
_cell.angle_alpha   90.00
_cell.angle_beta   90.00
_cell.angle_gamma   90.00
#
_symmetry.space_group_name_H-M   'C 2 2 21'
#
loop_
_entity.id
_entity.type
_entity.pdbx_description
1 polymer '3-keto-5-aminohexanoate cleavage protein'
2 non-polymer 'ACETYL COENZYME *A'
3 non-polymer 'ACETOACETIC ACID'
4 non-polymer 'ZINC ION'
5 water water
#
_entity_poly.entity_id   1
_entity_poly.type   'polypeptide(L)'
_entity_poly.pdbx_seq_one_letter_code
;MGHHHHHHHHHHSSGHIEGRHGSRMSLNGKVIITCAVTGAIHTPSMSPYLPVSASEITDAAIGAAEAGAAVIHLHARHEG
DGSPDQSVEAFNPILGVIKQASDAVLNITTGGAPTMSIAERIQPAQHYRPELASLNMGTMNFGLFPMLNRYESQLKHQWE
RNYLGNKDIIFRNTFGDVEHVMTTLGAGGTRFEFECYDTSHLYNLKHFYDRGLVKGPLFIQTVFGLMGGIGAHPDDVLHM
KRTADRLFGQDYRWSVLGAGRNQLNIAAMSAAMGGHVRVGLEDNLWAGKGRLAETNAQQVRAARQIVEGLGLEVATPAEA
RELLALKGGDQVNF
;
_entity_poly.pdbx_strand_id   A,B
#
# COMPACT_ATOMS: atom_id res chain seq x y z
N SER A 26 -12.96 13.74 -13.46
CA SER A 26 -13.91 12.97 -12.64
C SER A 26 -13.39 11.55 -12.44
N LEU A 27 -12.70 11.01 -13.43
CA LEU A 27 -12.07 9.70 -13.31
C LEU A 27 -10.92 9.68 -12.32
N ASN A 28 -10.62 10.81 -11.68
CA ASN A 28 -9.53 10.87 -10.72
C ASN A 28 -9.86 10.02 -9.49
N GLY A 29 -8.86 9.28 -9.02
CA GLY A 29 -9.04 8.45 -7.85
C GLY A 29 -9.86 7.20 -8.08
N LYS A 30 -10.02 6.78 -9.33
CA LYS A 30 -10.73 5.55 -9.65
C LYS A 30 -9.72 4.42 -9.84
N VAL A 31 -9.93 3.31 -9.15
CA VAL A 31 -9.06 2.15 -9.22
C VAL A 31 -9.80 1.02 -9.92
N ILE A 32 -9.18 0.47 -10.96
CA ILE A 32 -9.71 -0.67 -11.70
C ILE A 32 -9.29 -1.95 -10.99
N ILE A 33 -10.27 -2.76 -10.61
CA ILE A 33 -10.01 -4.10 -10.09
C ILE A 33 -10.29 -5.11 -11.20
N THR A 34 -9.27 -5.83 -11.61
CA THR A 34 -9.43 -7.00 -12.46
C THR A 34 -9.51 -8.25 -11.59
N CYS A 35 -10.43 -9.15 -11.94
CA CYS A 35 -10.52 -10.43 -11.25
C CYS A 35 -10.27 -11.55 -12.25
N ALA A 36 -9.21 -12.31 -12.02
CA ALA A 36 -8.85 -13.47 -12.83
C ALA A 36 -9.38 -14.71 -12.13
N VAL A 37 -10.43 -15.32 -12.70
CA VAL A 37 -11.27 -16.22 -11.91
C VAL A 37 -10.70 -17.63 -11.79
N THR A 38 -9.89 -18.09 -12.76
CA THR A 38 -9.43 -19.48 -12.67
C THR A 38 -8.04 -19.70 -13.27
N GLY A 39 -7.77 -19.14 -14.44
CA GLY A 39 -6.45 -19.28 -14.99
C GLY A 39 -6.13 -20.69 -15.50
N ALA A 40 -4.83 -20.95 -15.62
CA ALA A 40 -4.33 -22.21 -16.14
C ALA A 40 -3.22 -22.80 -15.29
N ILE A 41 -2.82 -22.15 -14.19
CA ILE A 41 -1.66 -22.56 -13.42
C ILE A 41 -2.09 -23.46 -12.27
N HIS A 42 -2.96 -22.94 -11.39
CA HIS A 42 -3.51 -23.78 -10.34
C HIS A 42 -4.30 -24.93 -10.96
N THR A 43 -4.41 -26.03 -10.22
CA THR A 43 -5.11 -27.21 -10.67
C THR A 43 -6.17 -27.60 -9.65
N PRO A 44 -7.17 -28.37 -10.06
CA PRO A 44 -8.31 -28.65 -9.17
C PRO A 44 -7.93 -29.29 -7.84
N SER A 45 -6.91 -30.14 -7.80
CA SER A 45 -6.55 -30.82 -6.56
C SER A 45 -6.05 -29.83 -5.50
N MET A 46 -5.67 -28.62 -5.89
CA MET A 46 -5.14 -27.66 -4.94
C MET A 46 -6.22 -27.02 -4.08
N SER A 47 -7.44 -26.91 -4.61
CA SER A 47 -8.51 -26.26 -3.88
C SER A 47 -9.86 -26.64 -4.49
N PRO A 48 -10.84 -27.04 -3.69
CA PRO A 48 -12.17 -27.34 -4.25
C PRO A 48 -12.92 -26.10 -4.70
N TYR A 49 -12.38 -24.91 -4.48
CA TYR A 49 -13.04 -23.66 -4.84
C TYR A 49 -12.55 -23.11 -6.17
N LEU A 50 -11.56 -23.75 -6.80
CA LEU A 50 -11.11 -23.33 -8.11
C LEU A 50 -12.21 -23.57 -9.13
N PRO A 51 -12.70 -22.55 -9.84
CA PRO A 51 -13.77 -22.77 -10.81
C PRO A 51 -13.28 -23.62 -11.99
N VAL A 52 -14.09 -24.62 -12.35
CA VAL A 52 -13.72 -25.54 -13.42
C VAL A 52 -14.77 -25.53 -14.52
N SER A 53 -16.01 -25.84 -14.16
CA SER A 53 -17.08 -25.90 -15.16
C SER A 53 -17.41 -24.50 -15.68
N ALA A 54 -18.06 -24.49 -16.85
CA ALA A 54 -18.48 -23.21 -17.43
C ALA A 54 -19.39 -22.44 -16.49
N SER A 55 -20.29 -23.15 -15.80
CA SER A 55 -21.20 -22.48 -14.89
C SER A 55 -20.48 -22.01 -13.63
N GLU A 56 -19.49 -22.76 -13.16
CA GLU A 56 -18.67 -22.28 -12.06
C GLU A 56 -17.89 -21.03 -12.46
N ILE A 57 -17.39 -20.99 -13.68
CA ILE A 57 -16.61 -19.85 -14.13
C ILE A 57 -17.49 -18.62 -14.31
N THR A 58 -18.70 -18.80 -14.85
CA THR A 58 -19.58 -17.66 -15.04
C THR A 58 -20.10 -17.14 -13.70
N ASP A 59 -20.44 -18.04 -12.77
CA ASP A 59 -20.87 -17.61 -11.44
C ASP A 59 -19.75 -16.86 -10.74
N ALA A 60 -18.52 -17.35 -10.83
CA ALA A 60 -17.39 -16.66 -10.23
C ALA A 60 -17.21 -15.28 -10.84
N ALA A 61 -17.37 -15.18 -12.16
CA ALA A 61 -17.18 -13.90 -12.84
C ALA A 61 -18.26 -12.90 -12.43
N ILE A 62 -19.52 -13.34 -12.46
CA ILE A 62 -20.63 -12.45 -12.13
C ILE A 62 -20.57 -12.02 -10.67
N GLY A 63 -20.22 -12.94 -9.78
CA GLY A 63 -20.09 -12.57 -8.38
C GLY A 63 -18.97 -11.58 -8.14
N ALA A 64 -17.87 -11.72 -8.87
CA ALA A 64 -16.75 -10.79 -8.72
C ALA A 64 -17.09 -9.42 -9.28
N ALA A 65 -17.83 -9.37 -10.39
CA ALA A 65 -18.22 -8.09 -10.95
C ALA A 65 -19.18 -7.35 -10.02
N GLU A 66 -20.14 -8.07 -9.43
CA GLU A 66 -21.07 -7.45 -8.50
C GLU A 66 -20.39 -7.01 -7.20
N ALA A 67 -19.23 -7.60 -6.87
CA ALA A 67 -18.45 -7.12 -5.75
C ALA A 67 -17.59 -5.91 -6.12
N GLY A 68 -17.40 -5.64 -7.41
CA GLY A 68 -16.73 -4.42 -7.84
C GLY A 68 -15.61 -4.59 -8.84
N ALA A 69 -15.46 -5.79 -9.41
CA ALA A 69 -14.45 -6.00 -10.45
C ALA A 69 -14.99 -5.46 -11.78
N ALA A 70 -14.33 -4.42 -12.30
CA ALA A 70 -14.72 -3.86 -13.58
C ALA A 70 -14.26 -4.70 -14.76
N VAL A 71 -13.23 -5.52 -14.58
CA VAL A 71 -12.68 -6.37 -15.63
C VAL A 71 -12.60 -7.79 -15.11
N ILE A 72 -13.00 -8.76 -15.93
CA ILE A 72 -12.88 -10.17 -15.62
C ILE A 72 -11.91 -10.80 -16.62
N HIS A 73 -10.83 -11.38 -16.12
CA HIS A 73 -9.86 -12.08 -16.94
C HIS A 73 -10.21 -13.56 -16.95
N LEU A 74 -10.39 -14.13 -18.13
CA LEU A 74 -11.04 -15.42 -18.29
C LEU A 74 -10.13 -16.45 -18.95
N HIS A 75 -10.04 -17.63 -18.32
CA HIS A 75 -9.61 -18.87 -18.93
C HIS A 75 -10.77 -19.85 -18.89
N ALA A 76 -10.65 -20.94 -19.65
CA ALA A 76 -11.61 -22.02 -19.63
C ALA A 76 -10.88 -23.32 -19.32
N ARG A 77 -11.66 -24.33 -18.91
CA ARG A 77 -11.10 -25.62 -18.55
C ARG A 77 -11.99 -26.74 -19.06
N HIS A 78 -11.38 -27.92 -19.25
CA HIS A 78 -12.16 -29.12 -19.54
C HIS A 78 -12.94 -29.53 -18.30
N GLU A 79 -14.25 -29.67 -18.44
CA GLU A 79 -15.08 -30.04 -17.29
C GLU A 79 -14.80 -31.46 -16.81
N GLY A 80 -14.21 -32.30 -17.66
CA GLY A 80 -13.90 -33.66 -17.27
C GLY A 80 -12.86 -33.76 -16.17
N ASP A 81 -11.64 -33.28 -16.43
CA ASP A 81 -10.56 -33.37 -15.48
C ASP A 81 -10.00 -32.01 -15.06
N GLY A 82 -10.62 -30.91 -15.49
CA GLY A 82 -10.21 -29.59 -15.07
C GLY A 82 -8.96 -29.05 -15.72
N SER A 83 -8.39 -29.75 -16.70
CA SER A 83 -7.18 -29.27 -17.36
C SER A 83 -7.49 -28.04 -18.20
N PRO A 84 -6.48 -27.23 -18.50
CA PRO A 84 -6.71 -26.03 -19.32
C PRO A 84 -7.31 -26.37 -20.68
N ASP A 85 -8.30 -25.57 -21.08
CA ASP A 85 -8.97 -25.73 -22.37
C ASP A 85 -8.99 -24.36 -23.04
N GLN A 86 -8.16 -24.20 -24.07
CA GLN A 86 -8.02 -22.94 -24.80
C GLN A 86 -8.68 -23.02 -26.18
N SER A 87 -9.70 -23.86 -26.32
CA SER A 87 -10.43 -23.96 -27.57
C SER A 87 -11.49 -22.87 -27.67
N VAL A 88 -11.85 -22.52 -28.91
CA VAL A 88 -12.89 -21.53 -29.13
C VAL A 88 -14.20 -21.98 -28.48
N GLU A 89 -14.55 -23.25 -28.65
CA GLU A 89 -15.81 -23.77 -28.12
C GLU A 89 -15.88 -23.64 -26.61
N ALA A 90 -14.74 -23.75 -25.92
CA ALA A 90 -14.76 -23.77 -24.46
C ALA A 90 -15.27 -22.46 -23.88
N PHE A 91 -15.08 -21.35 -24.59
CA PHE A 91 -15.56 -20.05 -24.13
C PHE A 91 -16.99 -19.77 -24.54
N ASN A 92 -17.59 -20.59 -25.41
CA ASN A 92 -18.94 -20.31 -25.89
C ASN A 92 -19.97 -20.27 -24.77
N PRO A 93 -20.03 -21.24 -23.85
CA PRO A 93 -20.97 -21.16 -22.73
C PRO A 93 -20.56 -20.21 -21.61
N ILE A 94 -19.52 -19.41 -21.81
CA ILE A 94 -19.00 -18.52 -20.77
C ILE A 94 -19.25 -17.05 -21.11
N LEU A 95 -18.78 -16.61 -22.29
CA LEU A 95 -18.76 -15.18 -22.59
C LEU A 95 -20.17 -14.60 -22.66
N GLY A 96 -21.04 -15.21 -23.47
CA GLY A 96 -22.39 -14.68 -23.63
C GLY A 96 -23.18 -14.67 -22.34
N VAL A 97 -22.97 -15.68 -21.49
CA VAL A 97 -23.70 -15.74 -20.22
C VAL A 97 -23.30 -14.57 -19.32
N ILE A 98 -21.99 -14.29 -19.23
CA ILE A 98 -21.54 -13.20 -18.38
C ILE A 98 -22.04 -11.87 -18.92
N LYS A 99 -21.97 -11.68 -20.23
CA LYS A 99 -22.39 -10.41 -20.83
C LYS A 99 -23.85 -10.12 -20.54
N GLN A 100 -24.72 -11.13 -20.64
CA GLN A 100 -26.14 -10.92 -20.37
C GLN A 100 -26.37 -10.49 -18.92
N ALA A 101 -25.53 -10.95 -18.00
CA ALA A 101 -25.74 -10.70 -16.58
C ALA A 101 -24.94 -9.50 -16.04
N SER A 102 -24.00 -8.97 -16.82
CA SER A 102 -23.09 -7.96 -16.29
C SER A 102 -22.47 -7.21 -17.45
N ASP A 103 -22.17 -5.92 -17.21
CA ASP A 103 -21.48 -5.09 -18.19
C ASP A 103 -19.98 -5.02 -17.94
N ALA A 104 -19.44 -5.90 -17.09
CA ALA A 104 -18.01 -5.96 -16.88
C ALA A 104 -17.28 -6.13 -18.22
N VAL A 105 -16.06 -5.62 -18.28
CA VAL A 105 -15.21 -5.84 -19.44
C VAL A 105 -14.63 -7.24 -19.35
N LEU A 106 -14.75 -8.01 -20.43
CA LEU A 106 -14.28 -9.39 -20.47
C LEU A 106 -12.91 -9.42 -21.15
N ASN A 107 -11.93 -9.98 -20.45
CA ASN A 107 -10.53 -9.99 -20.85
C ASN A 107 -10.15 -11.44 -21.14
N ILE A 108 -10.01 -11.78 -22.40
CA ILE A 108 -9.76 -13.16 -22.82
C ILE A 108 -8.27 -13.42 -22.88
N THR A 109 -7.84 -14.54 -22.29
CA THR A 109 -6.43 -14.88 -22.30
C THR A 109 -5.96 -15.26 -23.69
N THR A 110 -4.78 -14.77 -24.06
CA THR A 110 -4.01 -15.33 -25.16
C THR A 110 -2.81 -16.11 -24.64
N GLY A 111 -2.71 -16.30 -23.33
CA GLY A 111 -1.63 -17.07 -22.75
C GLY A 111 -1.99 -18.53 -22.57
N GLY A 112 -3.25 -18.80 -22.22
CA GLY A 112 -3.66 -20.16 -21.94
C GLY A 112 -2.74 -20.81 -20.94
N ALA A 113 -2.52 -22.12 -21.13
CA ALA A 113 -1.47 -22.79 -20.37
C ALA A 113 -0.12 -22.48 -20.99
N PRO A 114 0.92 -22.21 -20.18
CA PRO A 114 2.19 -21.73 -20.75
C PRO A 114 2.89 -22.75 -21.65
N THR A 115 2.39 -23.97 -21.76
CA THR A 115 2.94 -24.98 -22.66
C THR A 115 2.34 -24.91 -24.06
N MET A 116 1.36 -24.05 -24.29
CA MET A 116 0.61 -24.05 -25.54
C MET A 116 1.32 -23.20 -26.60
N SER A 117 1.00 -23.50 -27.86
CA SER A 117 1.52 -22.76 -29.00
C SER A 117 0.73 -21.47 -29.21
N ILE A 118 1.26 -20.60 -30.06
CA ILE A 118 0.58 -19.35 -30.38
C ILE A 118 -0.66 -19.63 -31.23
N ALA A 119 -0.55 -20.54 -32.19
CA ALA A 119 -1.69 -20.85 -33.05
C ALA A 119 -2.89 -21.31 -32.22
N GLU A 120 -2.64 -22.12 -31.19
CA GLU A 120 -3.71 -22.55 -30.31
C GLU A 120 -4.22 -21.39 -29.46
N ARG A 121 -3.29 -20.67 -28.82
CA ARG A 121 -3.67 -19.68 -27.81
C ARG A 121 -4.44 -18.51 -28.40
N ILE A 122 -4.24 -18.21 -29.69
CA ILE A 122 -4.79 -17.00 -30.28
C ILE A 122 -6.25 -17.13 -30.72
N GLN A 123 -6.78 -18.35 -30.81
CA GLN A 123 -8.05 -18.54 -31.50
C GLN A 123 -9.23 -17.92 -30.76
N PRO A 124 -9.39 -18.12 -29.44
CA PRO A 124 -10.53 -17.50 -28.76
C PRO A 124 -10.63 -16.00 -28.98
N ALA A 125 -9.57 -15.24 -28.69
CA ALA A 125 -9.62 -13.80 -28.86
C ALA A 125 -9.84 -13.42 -30.32
N GLN A 126 -9.25 -14.17 -31.24
CA GLN A 126 -9.42 -13.85 -32.66
C GLN A 126 -10.87 -14.00 -33.09
N HIS A 127 -11.57 -14.99 -32.56
CA HIS A 127 -12.95 -15.24 -32.96
C HIS A 127 -13.92 -14.29 -32.27
N TYR A 128 -13.80 -14.13 -30.95
CA TYR A 128 -14.78 -13.39 -30.17
C TYR A 128 -14.56 -11.88 -30.20
N ARG A 129 -13.40 -11.42 -30.65
CA ARG A 129 -13.11 -9.99 -30.78
C ARG A 129 -13.43 -9.24 -29.47
N PRO A 130 -12.81 -9.64 -28.36
CA PRO A 130 -13.09 -8.97 -27.09
C PRO A 130 -12.58 -7.54 -27.06
N GLU A 131 -13.08 -6.77 -26.09
CA GLU A 131 -12.54 -5.45 -25.84
C GLU A 131 -11.08 -5.53 -25.39
N LEU A 132 -10.75 -6.56 -24.63
CA LEU A 132 -9.43 -6.72 -24.02
C LEU A 132 -8.95 -8.15 -24.19
N ALA A 133 -7.66 -8.31 -24.43
CA ALA A 133 -7.01 -9.61 -24.40
C ALA A 133 -5.63 -9.46 -23.79
N SER A 134 -5.21 -10.45 -23.01
CA SER A 134 -3.85 -10.45 -22.50
C SER A 134 -2.86 -10.68 -23.64
N LEU A 135 -1.70 -10.05 -23.52
CA LEU A 135 -0.61 -10.20 -24.48
C LEU A 135 0.68 -10.34 -23.69
N ASN A 136 1.24 -11.54 -23.66
CA ASN A 136 2.46 -11.78 -22.92
C ASN A 136 3.66 -11.34 -23.76
N MET A 137 4.59 -10.61 -23.12
CA MET A 137 5.54 -9.77 -23.82
C MET A 137 6.93 -10.39 -23.97
N GLY A 138 7.12 -11.62 -23.54
CA GLY A 138 8.44 -12.22 -23.70
C GLY A 138 8.47 -13.72 -23.44
N THR A 139 9.41 -14.41 -24.07
CA THR A 139 9.60 -15.83 -23.82
C THR A 139 10.31 -16.02 -22.49
N MET A 140 9.86 -17.00 -21.72
CA MET A 140 10.38 -17.17 -20.37
C MET A 140 10.21 -18.62 -19.94
N ASN A 141 11.09 -19.04 -19.03
CA ASN A 141 10.82 -20.24 -18.25
C ASN A 141 9.58 -20.03 -17.39
N PHE A 142 8.82 -21.11 -17.20
CA PHE A 142 7.65 -21.11 -16.30
C PHE A 142 7.83 -22.32 -15.38
N GLY A 143 8.19 -22.07 -14.14
CA GLY A 143 8.43 -23.13 -13.17
C GLY A 143 7.23 -23.34 -12.27
N LEU A 144 6.77 -24.59 -12.20
CA LEU A 144 5.58 -24.91 -11.37
C LEU A 144 5.94 -25.90 -10.27
N PHE A 145 7.16 -26.42 -10.26
CA PHE A 145 7.53 -27.49 -9.29
C PHE A 145 7.53 -26.95 -7.85
N PRO A 146 7.73 -25.66 -7.58
CA PRO A 146 7.53 -25.13 -6.24
C PRO A 146 6.16 -25.54 -5.69
N MET A 147 5.16 -25.68 -6.57
CA MET A 147 3.80 -26.10 -6.14
C MET A 147 3.80 -27.61 -5.91
N LEU A 148 4.80 -28.36 -6.38
CA LEU A 148 4.84 -29.79 -6.09
C LEU A 148 5.21 -30.06 -4.65
N ASN A 149 6.00 -29.19 -4.02
CA ASN A 149 6.40 -29.41 -2.64
C ASN A 149 5.18 -29.47 -1.72
N ARG A 150 4.22 -28.59 -1.93
CA ARG A 150 3.05 -28.51 -1.07
C ARG A 150 1.93 -29.45 -1.51
N TYR A 151 1.81 -29.74 -2.81
CA TYR A 151 0.61 -30.36 -3.35
C TYR A 151 0.81 -31.74 -3.95
N GLU A 152 2.05 -32.25 -4.05
CA GLU A 152 2.29 -33.47 -4.80
C GLU A 152 1.42 -34.62 -4.31
N SER A 153 1.33 -34.80 -2.98
CA SER A 153 0.57 -35.93 -2.45
C SER A 153 -0.93 -35.78 -2.64
N GLN A 154 -1.41 -34.57 -2.92
CA GLN A 154 -2.84 -34.31 -3.07
C GLN A 154 -3.33 -34.47 -4.50
N LEU A 155 -2.44 -34.57 -5.48
CA LEU A 155 -2.84 -34.56 -6.88
C LEU A 155 -3.62 -35.82 -7.23
N LYS A 156 -4.77 -35.66 -7.88
CA LYS A 156 -5.65 -36.76 -8.22
C LYS A 156 -5.59 -37.17 -9.69
N HIS A 157 -5.19 -36.26 -10.58
CA HIS A 157 -5.15 -36.53 -12.00
C HIS A 157 -3.70 -36.62 -12.48
N GLN A 158 -3.45 -37.57 -13.38
CA GLN A 158 -2.09 -37.74 -13.90
C GLN A 158 -1.61 -36.47 -14.60
N TRP A 159 -2.51 -35.76 -15.28
CA TRP A 159 -2.10 -34.56 -15.98
C TRP A 159 -1.55 -33.51 -15.02
N GLU A 160 -2.04 -33.50 -13.78
CA GLU A 160 -1.50 -32.57 -12.78
C GLU A 160 -0.05 -32.91 -12.44
N ARG A 161 0.27 -34.20 -12.33
CA ARG A 161 1.63 -34.62 -12.00
C ARG A 161 2.60 -34.28 -13.12
N ASN A 162 2.23 -34.59 -14.37
CA ASN A 162 3.09 -34.27 -15.50
C ASN A 162 3.30 -32.77 -15.62
N TYR A 163 2.24 -32.00 -15.39
CA TYR A 163 2.27 -30.55 -15.56
C TYR A 163 3.19 -29.90 -14.53
N LEU A 164 2.93 -30.14 -13.24
CA LEU A 164 3.71 -29.50 -12.20
C LEU A 164 5.13 -30.05 -12.09
N GLY A 165 5.36 -31.28 -12.55
CA GLY A 165 6.70 -31.83 -12.54
C GLY A 165 7.57 -31.40 -13.69
N ASN A 166 7.00 -30.72 -14.68
CA ASN A 166 7.70 -30.42 -15.93
C ASN A 166 8.70 -29.28 -15.68
N LYS A 167 9.98 -29.60 -15.71
CA LYS A 167 11.05 -28.62 -15.53
C LYS A 167 11.46 -27.92 -16.81
N ASP A 168 10.77 -28.18 -17.92
CA ASP A 168 11.21 -27.70 -19.23
C ASP A 168 10.15 -26.86 -19.93
N ILE A 169 9.30 -26.18 -19.15
CA ILE A 169 8.24 -25.37 -19.73
C ILE A 169 8.82 -24.07 -20.27
N ILE A 170 8.53 -23.77 -21.53
CA ILE A 170 8.91 -22.53 -22.18
C ILE A 170 7.62 -21.82 -22.59
N PHE A 171 7.35 -20.68 -21.98
CA PHE A 171 6.20 -19.83 -22.32
C PHE A 171 6.63 -18.96 -23.48
N ARG A 172 6.26 -19.36 -24.70
CA ARG A 172 6.82 -18.78 -25.92
C ARG A 172 6.07 -17.51 -26.31
N ASN A 173 6.81 -16.40 -26.43
CA ASN A 173 6.31 -15.12 -26.93
C ASN A 173 7.47 -14.40 -27.61
N THR A 174 7.87 -14.90 -28.77
CA THR A 174 8.96 -14.27 -29.51
C THR A 174 8.52 -12.91 -30.04
N PHE A 175 9.50 -12.12 -30.48
CA PHE A 175 9.18 -10.84 -31.09
C PHE A 175 8.27 -11.02 -32.30
N GLY A 176 8.51 -12.06 -33.10
CA GLY A 176 7.63 -12.35 -34.22
C GLY A 176 6.24 -12.74 -33.78
N ASP A 177 6.14 -13.58 -32.74
CA ASP A 177 4.84 -13.94 -32.20
C ASP A 177 4.06 -12.70 -31.77
N VAL A 178 4.69 -11.85 -30.95
CA VAL A 178 3.99 -10.70 -30.38
C VAL A 178 3.52 -9.77 -31.49
N GLU A 179 4.38 -9.52 -32.48
CA GLU A 179 3.98 -8.67 -33.60
C GLU A 179 2.79 -9.27 -34.34
N HIS A 180 2.78 -10.58 -34.51
CA HIS A 180 1.67 -11.24 -35.20
C HIS A 180 0.37 -11.09 -34.40
N VAL A 181 0.43 -11.26 -33.09
CA VAL A 181 -0.77 -11.15 -32.27
C VAL A 181 -1.31 -9.73 -32.29
N MET A 182 -0.42 -8.74 -32.16
CA MET A 182 -0.84 -7.34 -32.24
C MET A 182 -1.59 -7.08 -33.54
N THR A 183 -1.02 -7.51 -34.67
CA THR A 183 -1.64 -7.27 -35.96
C THR A 183 -2.98 -7.99 -36.08
N THR A 184 -3.00 -9.28 -35.77
CA THR A 184 -4.21 -10.06 -35.96
C THR A 184 -5.33 -9.57 -35.06
N LEU A 185 -5.11 -9.55 -33.75
CA LEU A 185 -6.17 -9.19 -32.82
C LEU A 185 -6.50 -7.70 -32.91
N GLY A 186 -5.52 -6.86 -33.24
CA GLY A 186 -5.78 -5.44 -33.32
C GLY A 186 -6.77 -5.07 -34.41
N ALA A 187 -6.82 -5.86 -35.49
CA ALA A 187 -7.78 -5.59 -36.56
C ALA A 187 -9.21 -5.74 -36.10
N GLY A 188 -9.46 -6.49 -35.02
CA GLY A 188 -10.81 -6.68 -34.52
C GLY A 188 -11.17 -5.72 -33.42
N GLY A 189 -10.41 -4.63 -33.30
CA GLY A 189 -10.67 -3.63 -32.28
C GLY A 189 -10.23 -4.00 -30.88
N THR A 190 -9.64 -5.17 -30.70
CA THR A 190 -9.19 -5.59 -29.37
C THR A 190 -7.97 -4.80 -28.94
N ARG A 191 -7.98 -4.36 -27.68
CA ARG A 191 -6.82 -3.74 -27.06
C ARG A 191 -6.24 -4.70 -26.04
N PHE A 192 -4.99 -4.46 -25.65
CA PHE A 192 -4.22 -5.47 -24.95
C PHE A 192 -3.92 -5.06 -23.51
N GLU A 193 -3.90 -6.09 -22.66
CA GLU A 193 -3.25 -6.01 -21.35
C GLU A 193 -1.88 -6.61 -21.53
N PHE A 194 -0.86 -5.77 -21.60
CA PHE A 194 0.50 -6.22 -21.85
C PHE A 194 1.07 -6.81 -20.56
N GLU A 195 1.21 -8.13 -20.53
CA GLU A 195 1.68 -8.82 -19.35
C GLU A 195 3.21 -8.80 -19.32
N CYS A 196 3.78 -8.15 -18.32
CA CYS A 196 5.23 -7.96 -18.22
C CYS A 196 5.70 -8.63 -16.93
N TYR A 197 6.52 -9.68 -17.07
CA TYR A 197 7.00 -10.47 -15.96
C TYR A 197 8.39 -10.06 -15.49
N ASP A 198 9.02 -9.10 -16.17
CA ASP A 198 10.37 -8.67 -15.80
C ASP A 198 10.70 -7.43 -16.63
N THR A 199 11.84 -6.81 -16.30
CA THR A 199 12.23 -5.57 -16.95
C THR A 199 12.29 -5.73 -18.47
N SER A 200 12.83 -6.85 -18.94
CA SER A 200 13.03 -7.03 -20.37
C SER A 200 11.71 -6.95 -21.13
N HIS A 201 10.61 -7.37 -20.51
CA HIS A 201 9.31 -7.33 -21.18
C HIS A 201 8.83 -5.90 -21.37
N LEU A 202 9.21 -4.99 -20.46
CA LEU A 202 8.92 -3.57 -20.68
C LEU A 202 9.75 -3.02 -21.83
N TYR A 203 11.02 -3.42 -21.90
CA TYR A 203 11.85 -3.00 -23.03
C TYR A 203 11.34 -3.59 -24.34
N ASN A 204 10.87 -4.83 -24.30
CA ASN A 204 10.24 -5.41 -25.49
C ASN A 204 9.04 -4.58 -25.93
N LEU A 205 8.17 -4.22 -24.97
CA LEU A 205 7.01 -3.42 -25.31
C LEU A 205 7.42 -2.07 -25.88
N LYS A 206 8.44 -1.44 -25.29
CA LYS A 206 8.95 -0.18 -25.82
C LYS A 206 9.32 -0.30 -27.29
N HIS A 207 9.90 -1.44 -27.68
CA HIS A 207 10.30 -1.63 -29.07
C HIS A 207 9.10 -1.54 -30.00
N PHE A 208 8.00 -2.21 -29.65
CA PHE A 208 6.81 -2.17 -30.51
C PHE A 208 6.11 -0.82 -30.43
N TYR A 209 6.10 -0.22 -29.24
CA TYR A 209 5.50 1.11 -29.07
C TYR A 209 6.21 2.15 -29.92
N ASP A 210 7.53 2.05 -30.04
CA ASP A 210 8.28 2.99 -30.86
C ASP A 210 8.10 2.74 -32.35
N ARG A 211 7.72 1.52 -32.74
CA ARG A 211 7.38 1.22 -34.12
C ARG A 211 5.92 1.53 -34.45
N GLY A 212 5.15 1.98 -33.47
CA GLY A 212 3.77 2.35 -33.71
C GLY A 212 2.81 1.19 -33.87
N LEU A 213 3.22 -0.03 -33.47
CA LEU A 213 2.35 -1.19 -33.63
C LEU A 213 1.28 -1.27 -32.54
N VAL A 214 1.45 -0.56 -31.43
CA VAL A 214 0.39 -0.37 -30.46
C VAL A 214 0.37 1.10 -30.07
N LYS A 215 -0.83 1.60 -29.80
CA LYS A 215 -1.05 3.00 -29.45
C LYS A 215 -1.52 3.12 -28.00
N GLY A 216 -1.18 4.25 -27.39
CA GLY A 216 -1.57 4.50 -26.03
C GLY A 216 -3.05 4.79 -25.91
N PRO A 217 -3.58 4.76 -24.68
CA PRO A 217 -2.86 4.42 -23.44
C PRO A 217 -2.59 2.93 -23.32
N LEU A 218 -1.35 2.57 -22.99
CA LEU A 218 -0.98 1.16 -22.86
C LEU A 218 -1.38 0.65 -21.49
N PHE A 219 -2.11 -0.47 -21.48
CA PHE A 219 -2.51 -1.13 -20.24
C PHE A 219 -1.42 -2.13 -19.88
N ILE A 220 -0.51 -1.72 -19.00
CA ILE A 220 0.68 -2.50 -18.67
C ILE A 220 0.45 -3.16 -17.31
N GLN A 221 0.47 -4.49 -17.30
CA GLN A 221 0.36 -5.25 -16.06
C GLN A 221 1.70 -5.88 -15.73
N THR A 222 2.27 -5.51 -14.60
CA THR A 222 3.54 -6.05 -14.13
C THR A 222 3.26 -7.19 -13.16
N VAL A 223 3.79 -8.38 -13.47
CA VAL A 223 3.47 -9.61 -12.77
C VAL A 223 4.64 -9.98 -11.86
N PHE A 224 4.34 -10.21 -10.58
CA PHE A 224 5.35 -10.40 -9.55
C PHE A 224 5.21 -11.76 -8.89
N GLY A 225 6.33 -12.46 -8.71
CA GLY A 225 6.40 -13.62 -7.86
C GLY A 225 6.39 -14.97 -8.56
N LEU A 226 6.42 -15.00 -9.89
CA LEU A 226 6.42 -16.28 -10.58
C LEU A 226 7.83 -16.83 -10.70
N MET A 227 7.93 -18.16 -10.66
CA MET A 227 9.21 -18.81 -10.91
C MET A 227 9.51 -18.74 -12.40
N GLY A 228 10.58 -18.07 -12.76
CA GLY A 228 10.87 -17.69 -14.13
C GLY A 228 10.62 -16.23 -14.42
N GLY A 229 9.98 -15.51 -13.49
CA GLY A 229 9.79 -14.08 -13.62
C GLY A 229 10.46 -13.32 -12.49
N ILE A 230 10.19 -12.02 -12.41
CA ILE A 230 10.72 -11.22 -11.33
C ILE A 230 10.02 -11.58 -10.01
N GLY A 231 10.71 -11.36 -8.91
CA GLY A 231 10.15 -11.65 -7.61
C GLY A 231 9.10 -10.63 -7.19
N ALA A 232 8.73 -10.71 -5.91
CA ALA A 232 7.68 -9.90 -5.33
C ALA A 232 8.19 -8.98 -4.22
N HIS A 233 9.49 -8.71 -4.20
CA HIS A 233 10.05 -7.79 -3.22
C HIS A 233 9.66 -6.36 -3.57
N PRO A 234 9.45 -5.50 -2.56
CA PRO A 234 9.10 -4.10 -2.87
C PRO A 234 10.06 -3.42 -3.84
N ASP A 235 11.36 -3.75 -3.75
CA ASP A 235 12.32 -3.23 -4.72
C ASP A 235 11.94 -3.63 -6.14
N ASP A 236 11.45 -4.87 -6.32
CA ASP A 236 11.04 -5.31 -7.65
C ASP A 236 9.86 -4.49 -8.14
N VAL A 237 8.87 -4.25 -7.28
CA VAL A 237 7.72 -3.45 -7.66
C VAL A 237 8.17 -2.06 -8.11
N LEU A 238 8.96 -1.38 -7.28
CA LEU A 238 9.38 0.00 -7.61
C LEU A 238 10.23 0.00 -8.88
N HIS A 239 11.06 -1.02 -9.08
CA HIS A 239 11.90 -1.06 -10.28
C HIS A 239 11.04 -1.12 -11.54
N MET A 240 10.02 -1.99 -11.54
CA MET A 240 9.15 -2.09 -12.71
C MET A 240 8.36 -0.79 -12.92
N LYS A 241 7.84 -0.22 -11.83
CA LYS A 241 7.12 1.05 -11.95
C LYS A 241 8.04 2.14 -12.48
N ARG A 242 9.23 2.25 -11.89
CA ARG A 242 10.20 3.24 -12.32
C ARG A 242 10.53 3.09 -13.80
N THR A 243 10.78 1.84 -14.23
CA THR A 243 11.14 1.60 -15.63
C THR A 243 9.99 1.95 -16.55
N ALA A 244 8.78 1.54 -16.20
CA ALA A 244 7.61 1.89 -17.02
C ALA A 244 7.45 3.39 -17.13
N ASP A 245 7.57 4.10 -16.00
CA ASP A 245 7.50 5.56 -16.02
C ASP A 245 8.48 6.13 -17.04
N ARG A 246 9.73 5.67 -17.00
CA ARG A 246 10.77 6.25 -17.84
C ARG A 246 10.54 5.90 -19.31
N LEU A 247 10.04 4.70 -19.60
CA LEU A 247 9.91 4.27 -20.99
C LEU A 247 8.63 4.77 -21.64
N PHE A 248 7.56 4.97 -20.86
CA PHE A 248 6.25 5.27 -21.43
C PHE A 248 5.60 6.53 -20.88
N GLY A 249 6.19 7.17 -19.88
CA GLY A 249 5.67 8.46 -19.42
C GLY A 249 4.23 8.36 -18.96
N GLN A 250 3.40 9.27 -19.46
CA GLN A 250 1.99 9.34 -19.11
C GLN A 250 1.12 8.48 -20.01
N ASP A 251 1.69 7.83 -21.02
CA ASP A 251 0.92 7.14 -22.05
C ASP A 251 0.62 5.69 -21.68
N TYR A 252 0.56 5.37 -20.38
CA TYR A 252 0.24 4.01 -19.97
C TYR A 252 -0.57 4.04 -18.67
N ARG A 253 -1.30 2.96 -18.45
CA ARG A 253 -2.02 2.70 -17.21
C ARG A 253 -1.42 1.46 -16.57
N TRP A 254 -1.14 1.54 -15.28
CA TRP A 254 -0.40 0.51 -14.56
C TRP A 254 -1.34 -0.40 -13.80
N SER A 255 -1.16 -1.71 -13.97
CA SER A 255 -1.82 -2.70 -13.13
C SER A 255 -0.75 -3.67 -12.62
N VAL A 256 -1.06 -4.31 -11.49
CA VAL A 256 -0.12 -5.23 -10.86
C VAL A 256 -0.80 -6.55 -10.56
N LEU A 257 0.00 -7.60 -10.52
CA LEU A 257 -0.44 -8.94 -10.14
C LEU A 257 0.58 -9.49 -9.17
N GLY A 258 0.15 -9.75 -7.94
CA GLY A 258 1.00 -10.38 -6.96
C GLY A 258 0.60 -11.82 -6.73
N ALA A 259 1.54 -12.74 -6.90
CA ALA A 259 1.24 -14.16 -6.80
C ALA A 259 1.09 -14.59 -5.35
N GLY A 260 0.16 -15.50 -5.10
CA GLY A 260 0.03 -16.09 -3.78
C GLY A 260 -0.24 -15.06 -2.72
N ARG A 261 0.47 -15.16 -1.61
CA ARG A 261 0.24 -14.31 -0.46
C ARG A 261 0.78 -12.89 -0.64
N ASN A 262 1.44 -12.60 -1.76
CA ASN A 262 1.79 -11.22 -2.08
C ASN A 262 0.65 -10.48 -2.76
N GLN A 263 -0.46 -11.16 -3.07
CA GLN A 263 -1.52 -10.57 -3.87
C GLN A 263 -1.98 -9.24 -3.29
N LEU A 264 -2.43 -9.24 -2.04
CA LEU A 264 -3.01 -8.03 -1.47
C LEU A 264 -1.95 -6.99 -1.13
N ASN A 265 -0.77 -7.44 -0.68
CA ASN A 265 0.32 -6.50 -0.42
C ASN A 265 0.63 -5.69 -1.67
N ILE A 266 0.78 -6.36 -2.81
CA ILE A 266 1.20 -5.66 -4.03
C ILE A 266 0.05 -4.85 -4.61
N ALA A 267 -1.19 -5.33 -4.48
CA ALA A 267 -2.34 -4.52 -4.89
C ALA A 267 -2.37 -3.20 -4.12
N ALA A 268 -2.06 -3.24 -2.83
CA ALA A 268 -2.10 -2.03 -2.02
C ALA A 268 -1.02 -1.03 -2.43
N MET A 269 0.21 -1.52 -2.65
CA MET A 269 1.26 -0.66 -3.15
C MET A 269 0.82 0.06 -4.42
N SER A 270 0.26 -0.68 -5.37
CA SER A 270 -0.16 -0.08 -6.63
C SER A 270 -1.25 0.97 -6.40
N ALA A 271 -2.28 0.61 -5.64
CA ALA A 271 -3.36 1.55 -5.36
C ALA A 271 -2.84 2.81 -4.68
N ALA A 272 -1.83 2.65 -3.81
CA ALA A 272 -1.26 3.80 -3.13
C ALA A 272 -0.38 4.64 -4.05
N MET A 273 0.04 4.09 -5.19
CA MET A 273 0.96 4.76 -6.11
C MET A 273 0.29 5.20 -7.39
N GLY A 274 -1.04 5.14 -7.47
CA GLY A 274 -1.76 5.56 -8.65
C GLY A 274 -2.00 4.48 -9.69
N GLY A 275 -1.80 3.21 -9.34
CA GLY A 275 -2.02 2.11 -10.25
C GLY A 275 -3.32 1.37 -9.98
N HIS A 276 -3.50 0.29 -10.72
CA HIS A 276 -4.69 -0.55 -10.67
C HIS A 276 -4.29 -1.95 -10.22
N VAL A 277 -5.27 -2.77 -9.89
CA VAL A 277 -5.00 -4.03 -9.18
C VAL A 277 -5.71 -5.20 -9.85
N ARG A 278 -5.10 -6.37 -9.73
CA ARG A 278 -5.68 -7.63 -10.15
C ARG A 278 -5.68 -8.59 -8.97
N VAL A 279 -6.84 -9.22 -8.73
CA VAL A 279 -6.96 -10.29 -7.74
C VAL A 279 -7.54 -11.50 -8.45
N GLY A 280 -7.84 -12.56 -7.68
CA GLY A 280 -8.51 -13.71 -8.26
C GLY A 280 -7.85 -15.03 -7.95
N LEU A 281 -8.62 -16.12 -8.02
CA LEU A 281 -8.11 -17.44 -7.71
C LEU A 281 -7.15 -17.96 -8.78
N GLU A 282 -7.05 -17.29 -9.94
CA GLU A 282 -6.00 -17.62 -10.90
C GLU A 282 -4.62 -17.42 -10.29
N ASP A 283 -4.50 -16.49 -9.33
CA ASP A 283 -3.21 -16.07 -8.80
C ASP A 283 -2.98 -16.42 -7.34
N ASN A 284 -4.05 -16.63 -6.56
CA ASN A 284 -3.91 -16.84 -5.13
C ASN A 284 -5.11 -17.64 -4.65
N LEU A 285 -4.85 -18.79 -4.03
CA LEU A 285 -5.91 -19.65 -3.52
C LEU A 285 -6.32 -19.31 -2.09
N TRP A 286 -5.63 -18.38 -1.44
CA TRP A 286 -5.76 -18.17 -0.01
C TRP A 286 -6.54 -16.88 0.28
N ALA A 287 -7.30 -16.92 1.38
CA ALA A 287 -7.94 -15.74 1.94
C ALA A 287 -7.30 -15.28 3.24
N GLY A 288 -6.53 -16.13 3.89
CA GLY A 288 -5.89 -15.77 5.14
C GLY A 288 -5.00 -16.89 5.62
N LYS A 289 -4.62 -16.83 6.89
CA LYS A 289 -3.79 -17.87 7.46
C LYS A 289 -4.59 -19.15 7.66
N GLY A 290 -4.09 -20.25 7.10
CA GLY A 290 -4.76 -21.53 7.23
C GLY A 290 -6.17 -21.54 6.68
N ARG A 291 -6.47 -20.67 5.71
CA ARG A 291 -7.82 -20.49 5.22
C ARG A 291 -7.79 -20.30 3.71
N LEU A 292 -8.37 -21.24 2.98
CA LEU A 292 -8.52 -21.09 1.54
C LEU A 292 -9.63 -20.10 1.22
N ALA A 293 -9.47 -19.39 0.11
CA ALA A 293 -10.52 -18.50 -0.37
C ALA A 293 -11.63 -19.31 -1.03
N GLU A 294 -12.88 -18.99 -0.68
CA GLU A 294 -14.02 -19.74 -1.20
C GLU A 294 -14.56 -19.17 -2.49
N THR A 295 -14.42 -17.87 -2.72
CA THR A 295 -14.91 -17.24 -3.93
C THR A 295 -13.92 -16.20 -4.43
N ASN A 296 -14.02 -15.89 -5.72
CA ASN A 296 -13.28 -14.77 -6.28
C ASN A 296 -13.76 -13.46 -5.70
N ALA A 297 -15.08 -13.31 -5.52
CA ALA A 297 -15.64 -12.07 -4.99
C ALA A 297 -15.02 -11.74 -3.63
N GLN A 298 -14.73 -12.77 -2.84
CA GLN A 298 -14.08 -12.59 -1.55
C GLN A 298 -12.80 -11.76 -1.68
N GLN A 299 -12.01 -12.03 -2.73
CA GLN A 299 -10.78 -11.28 -2.94
C GLN A 299 -11.04 -9.90 -3.51
N VAL A 300 -12.07 -9.76 -4.34
CA VAL A 300 -12.45 -8.43 -4.83
C VAL A 300 -12.83 -7.52 -3.67
N ARG A 301 -13.58 -8.05 -2.71
CA ARG A 301 -14.01 -7.23 -1.57
C ARG A 301 -12.82 -6.79 -0.74
N ALA A 302 -11.82 -7.66 -0.56
CA ALA A 302 -10.64 -7.29 0.20
C ALA A 302 -9.90 -6.14 -0.48
N ALA A 303 -9.65 -6.27 -1.78
CA ALA A 303 -9.01 -5.19 -2.53
C ALA A 303 -9.84 -3.92 -2.46
N ARG A 304 -11.16 -4.06 -2.60
CA ARG A 304 -12.04 -2.90 -2.55
C ARG A 304 -11.95 -2.20 -1.19
N GLN A 305 -11.81 -2.99 -0.12
CA GLN A 305 -11.66 -2.42 1.21
C GLN A 305 -10.38 -1.59 1.31
N ILE A 306 -9.31 -2.05 0.66
CA ILE A 306 -8.07 -1.29 0.64
C ILE A 306 -8.24 -0.01 -0.18
N VAL A 307 -8.86 -0.14 -1.35
CA VAL A 307 -9.10 1.01 -2.21
C VAL A 307 -9.87 2.08 -1.46
N GLU A 308 -10.97 1.69 -0.81
CA GLU A 308 -11.82 2.66 -0.16
C GLU A 308 -11.21 3.17 1.15
N GLY A 309 -10.37 2.36 1.78
CA GLY A 309 -9.64 2.85 2.94
C GLY A 309 -8.68 3.97 2.57
N LEU A 310 -8.09 3.89 1.38
CA LEU A 310 -7.22 4.95 0.89
C LEU A 310 -7.97 6.23 0.54
N GLY A 311 -9.30 6.21 0.55
CA GLY A 311 -10.08 7.33 0.10
C GLY A 311 -10.34 7.35 -1.39
N LEU A 312 -10.05 6.27 -2.10
CA LEU A 312 -10.29 6.16 -3.53
C LEU A 312 -11.59 5.40 -3.78
N GLU A 313 -11.93 5.24 -5.05
CA GLU A 313 -13.15 4.56 -5.45
C GLU A 313 -12.84 3.49 -6.48
N VAL A 314 -13.61 2.42 -6.44
CA VAL A 314 -13.50 1.35 -7.42
C VAL A 314 -14.13 1.81 -8.73
N ALA A 315 -13.42 1.61 -9.83
CA ALA A 315 -13.93 2.00 -11.14
C ALA A 315 -15.08 1.10 -11.56
N THR A 316 -16.07 1.69 -12.22
CA THR A 316 -17.11 0.92 -12.89
C THR A 316 -16.59 0.41 -14.22
N PRO A 317 -17.31 -0.52 -14.85
CA PRO A 317 -16.90 -0.96 -16.19
C PRO A 317 -16.84 0.19 -17.20
N ALA A 318 -17.84 1.08 -17.16
CA ALA A 318 -17.82 2.22 -18.08
C ALA A 318 -16.60 3.11 -17.82
N GLU A 319 -16.22 3.29 -16.56
CA GLU A 319 -15.03 4.08 -16.25
C GLU A 319 -13.76 3.36 -16.66
N ALA A 320 -13.74 2.03 -16.57
CA ALA A 320 -12.58 1.28 -17.06
C ALA A 320 -12.46 1.42 -18.57
N ARG A 321 -13.58 1.37 -19.29
CA ARG A 321 -13.53 1.51 -20.74
C ARG A 321 -12.96 2.86 -21.16
N GLU A 322 -13.21 3.91 -20.38
CA GLU A 322 -12.67 5.22 -20.73
C GLU A 322 -11.19 5.32 -20.37
N LEU A 323 -10.81 4.84 -19.18
CA LEU A 323 -9.40 4.87 -18.80
C LEU A 323 -8.54 4.06 -19.75
N LEU A 324 -9.08 2.97 -20.31
CA LEU A 324 -8.32 2.07 -21.15
C LEU A 324 -8.64 2.22 -22.64
N ALA A 325 -9.56 3.10 -23.00
CA ALA A 325 -9.85 3.41 -24.41
C ALA A 325 -10.40 2.20 -25.15
N LEU A 326 -11.33 1.48 -24.51
CA LEU A 326 -11.87 0.26 -25.08
C LEU A 326 -13.05 0.57 -26.00
N LYS A 327 -13.35 -0.39 -26.88
CA LYS A 327 -14.34 -0.19 -27.93
C LYS A 327 -15.78 -0.33 -27.44
N GLY A 328 -16.00 -0.85 -26.26
CA GLY A 328 -17.35 -0.96 -25.73
C GLY A 328 -17.85 -2.40 -25.71
N GLY A 329 -18.62 -2.73 -24.68
CA GLY A 329 -19.12 -4.08 -24.53
C GLY A 329 -20.09 -4.51 -25.61
N ASP A 330 -20.63 -3.56 -26.37
CA ASP A 330 -21.55 -3.87 -27.45
C ASP A 330 -20.85 -4.04 -28.80
N GLN A 331 -19.52 -3.98 -28.83
CA GLN A 331 -18.75 -4.10 -30.06
C GLN A 331 -17.94 -5.40 -30.09
N VAL A 332 -18.45 -6.43 -29.44
CA VAL A 332 -17.77 -7.72 -29.36
C VAL A 332 -18.58 -8.75 -30.16
N ASN A 333 -17.97 -9.90 -30.39
CA ASN A 333 -18.63 -10.98 -31.14
C ASN A 333 -19.10 -12.08 -30.20
N PHE A 334 -19.91 -11.70 -29.21
CA PHE A 334 -20.61 -12.67 -28.38
C PHE A 334 -21.76 -11.97 -27.66
N LEU B 27 3.01 -12.22 16.58
CA LEU B 27 3.15 -10.80 16.36
C LEU B 27 3.50 -10.47 14.92
N ASN B 28 3.57 -11.50 14.07
CA ASN B 28 4.18 -11.35 12.77
C ASN B 28 3.35 -10.47 11.84
N GLY B 29 2.02 -10.54 11.93
CA GLY B 29 1.17 -9.75 11.06
C GLY B 29 0.40 -8.68 11.79
N LYS B 30 1.05 -8.02 12.74
CA LYS B 30 0.43 -6.97 13.55
C LYS B 30 1.02 -5.62 13.15
N VAL B 31 0.15 -4.63 12.95
CA VAL B 31 0.55 -3.29 12.52
C VAL B 31 0.22 -2.32 13.63
N ILE B 32 1.25 -1.63 14.14
CA ILE B 32 1.06 -0.60 15.15
C ILE B 32 0.56 0.65 14.46
N ILE B 33 -0.59 1.17 14.91
CA ILE B 33 -1.07 2.47 14.49
C ILE B 33 -0.75 3.46 15.60
N THR B 34 0.07 4.47 15.26
CA THR B 34 0.30 5.62 16.11
C THR B 34 -0.60 6.76 15.65
N CYS B 35 -1.20 7.45 16.61
CA CYS B 35 -2.03 8.61 16.29
C CYS B 35 -1.45 9.84 16.98
N ALA B 36 -1.07 10.83 16.18
CA ALA B 36 -0.56 12.10 16.66
C ALA B 36 -1.71 13.10 16.64
N VAL B 37 -2.21 13.49 17.81
CA VAL B 37 -3.54 14.08 17.87
C VAL B 37 -3.55 15.60 17.62
N THR B 38 -2.45 16.32 17.83
CA THR B 38 -2.52 17.76 17.57
C THR B 38 -1.18 18.38 17.16
N GLY B 39 -0.09 17.99 17.81
CA GLY B 39 1.20 18.49 17.36
C GLY B 39 1.44 19.97 17.63
N ALA B 40 2.35 20.54 16.83
CA ALA B 40 2.71 21.95 16.96
C ALA B 40 2.86 22.67 15.62
N ILE B 41 2.63 21.99 14.50
CA ILE B 41 2.79 22.63 13.19
C ILE B 41 1.49 23.29 12.74
N HIS B 42 0.40 22.53 12.69
CA HIS B 42 -0.89 23.11 12.35
C HIS B 42 -1.33 24.09 13.44
N THR B 43 -2.15 25.05 13.06
CA THR B 43 -2.64 26.08 13.96
C THR B 43 -4.16 26.08 13.98
N PRO B 44 -4.78 26.62 15.02
CA PRO B 44 -6.23 26.46 15.19
C PRO B 44 -7.05 27.12 14.09
N SER B 45 -6.56 28.21 13.48
CA SER B 45 -7.29 28.84 12.40
C SER B 45 -7.39 27.93 11.17
N MET B 46 -6.55 26.90 11.08
CA MET B 46 -6.57 26.03 9.91
C MET B 46 -7.75 25.06 9.95
N SER B 47 -8.21 24.69 11.14
CA SER B 47 -9.30 23.74 11.26
C SER B 47 -9.95 23.84 12.65
N PRO B 48 -11.27 23.94 12.74
CA PRO B 48 -11.91 23.94 14.07
C PRO B 48 -11.83 22.60 14.76
N TYR B 49 -11.42 21.54 14.06
CA TYR B 49 -11.33 20.21 14.64
C TYR B 49 -9.96 19.90 15.24
N LEU B 50 -9.00 20.81 15.09
CA LEU B 50 -7.70 20.61 15.70
C LEU B 50 -7.84 20.69 17.22
N PRO B 51 -7.50 19.64 17.97
CA PRO B 51 -7.61 19.74 19.43
C PRO B 51 -6.69 20.81 19.99
N VAL B 52 -7.21 21.57 20.96
CA VAL B 52 -6.43 22.64 21.58
C VAL B 52 -6.44 22.48 23.10
N SER B 53 -7.63 22.60 23.70
CA SER B 53 -7.73 22.49 25.15
C SER B 53 -7.29 21.10 25.61
N ALA B 54 -6.98 21.02 26.91
CA ALA B 54 -6.56 19.74 27.47
C ALA B 54 -7.63 18.67 27.28
N SER B 55 -8.89 19.02 27.54
CA SER B 55 -9.96 18.03 27.42
C SER B 55 -10.19 17.63 25.97
N GLU B 56 -9.97 18.55 25.02
CA GLU B 56 -10.08 18.18 23.61
C GLU B 56 -8.98 17.21 23.23
N ILE B 57 -7.78 17.40 23.77
CA ILE B 57 -6.66 16.51 23.45
C ILE B 57 -6.89 15.13 24.05
N THR B 58 -7.41 15.08 25.28
CA THR B 58 -7.66 13.78 25.90
C THR B 58 -8.82 13.05 25.23
N ASP B 59 -9.88 13.79 24.89
CA ASP B 59 -10.98 13.19 24.12
C ASP B 59 -10.47 12.64 22.79
N ALA B 60 -9.65 13.42 22.09
CA ALA B 60 -9.10 12.96 20.82
C ALA B 60 -8.25 11.72 21.02
N ALA B 61 -7.42 11.71 22.06
CA ALA B 61 -6.53 10.57 22.29
C ALA B 61 -7.32 9.32 22.63
N ILE B 62 -8.34 9.45 23.48
CA ILE B 62 -9.11 8.29 23.91
C ILE B 62 -9.91 7.71 22.75
N GLY B 63 -10.50 8.58 21.92
CA GLY B 63 -11.22 8.10 20.75
C GLY B 63 -10.31 7.41 19.76
N ALA B 64 -9.09 7.93 19.59
CA ALA B 64 -8.15 7.30 18.67
C ALA B 64 -7.72 5.92 19.18
N ALA B 65 -7.47 5.82 20.49
CA ALA B 65 -7.10 4.53 21.07
C ALA B 65 -8.22 3.52 20.89
N GLU B 66 -9.46 3.93 21.15
CA GLU B 66 -10.58 3.00 21.05
C GLU B 66 -10.82 2.56 19.62
N ALA B 67 -10.44 3.39 18.65
CA ALA B 67 -10.56 3.01 17.25
C ALA B 67 -9.44 2.07 16.79
N GLY B 68 -8.38 1.93 17.59
CA GLY B 68 -7.35 0.96 17.30
C GLY B 68 -5.92 1.47 17.35
N ALA B 69 -5.72 2.72 17.76
CA ALA B 69 -4.37 3.27 17.86
C ALA B 69 -3.71 2.78 19.14
N ALA B 70 -2.61 2.03 19.00
CA ALA B 70 -1.91 1.48 20.16
C ALA B 70 -1.00 2.50 20.83
N VAL B 71 -0.51 3.48 20.06
CA VAL B 71 0.37 4.51 20.57
C VAL B 71 -0.27 5.86 20.30
N ILE B 72 -0.29 6.73 21.31
CA ILE B 72 -0.79 8.09 21.18
C ILE B 72 0.39 9.04 21.34
N HIS B 73 0.63 9.86 20.33
CA HIS B 73 1.72 10.82 20.32
C HIS B 73 1.16 12.20 20.68
N LEU B 74 1.78 12.85 21.68
CA LEU B 74 1.13 13.94 22.41
C LEU B 74 1.95 15.22 22.40
N HIS B 75 1.29 16.33 22.06
CA HIS B 75 1.72 17.68 22.39
C HIS B 75 0.65 18.35 23.24
N ALA B 76 1.00 19.48 23.84
CA ALA B 76 0.05 20.33 24.54
C ALA B 76 0.04 21.72 23.91
N ARG B 77 -1.00 22.49 24.22
CA ARG B 77 -1.16 23.83 23.66
C ARG B 77 -1.71 24.76 24.73
N HIS B 78 -1.42 26.06 24.58
CA HIS B 78 -2.05 27.08 25.40
C HIS B 78 -3.52 27.22 24.99
N GLU B 79 -4.42 27.10 25.96
CA GLU B 79 -5.84 27.19 25.65
C GLU B 79 -6.27 28.60 25.27
N GLY B 80 -5.45 29.60 25.60
CA GLY B 80 -5.77 30.98 25.26
C GLY B 80 -5.79 31.25 23.77
N ASP B 81 -4.69 30.98 23.08
CA ASP B 81 -4.57 31.25 21.66
C ASP B 81 -4.19 30.03 20.84
N GLY B 82 -4.08 28.86 21.45
CA GLY B 82 -3.81 27.64 20.72
C GLY B 82 -2.36 27.40 20.35
N SER B 83 -1.44 28.25 20.82
CA SER B 83 -0.05 28.12 20.47
C SER B 83 0.60 26.96 21.21
N PRO B 84 1.70 26.41 20.68
CA PRO B 84 2.35 25.27 21.35
C PRO B 84 2.75 25.59 22.79
N ASP B 85 2.60 24.60 23.66
CA ASP B 85 2.95 24.72 25.08
C ASP B 85 3.72 23.46 25.46
N GLN B 86 5.04 23.61 25.62
CA GLN B 86 5.96 22.50 25.91
C GLN B 86 6.44 22.54 27.36
N SER B 87 5.56 22.94 28.28
CA SER B 87 5.92 22.98 29.70
C SER B 87 5.48 21.69 30.39
N VAL B 88 6.05 21.46 31.57
CA VAL B 88 5.71 20.27 32.34
C VAL B 88 4.24 20.30 32.77
N GLU B 89 3.78 21.46 33.25
CA GLU B 89 2.41 21.54 33.73
C GLU B 89 1.39 21.36 32.61
N ALA B 90 1.77 21.64 31.36
CA ALA B 90 0.83 21.56 30.27
C ALA B 90 0.31 20.14 30.07
N PHE B 91 1.13 19.14 30.38
CA PHE B 91 0.72 17.74 30.22
C PHE B 91 0.01 17.18 31.45
N ASN B 92 -0.05 17.93 32.55
CA ASN B 92 -0.61 17.39 33.78
C ASN B 92 -2.08 17.00 33.65
N PRO B 93 -2.96 17.84 33.09
CA PRO B 93 -4.36 17.42 32.90
C PRO B 93 -4.58 16.52 31.69
N ILE B 94 -3.51 15.99 31.09
CA ILE B 94 -3.60 15.21 29.86
C ILE B 94 -3.22 13.75 30.11
N LEU B 95 -2.02 13.51 30.64
CA LEU B 95 -1.49 12.15 30.69
C LEU B 95 -2.32 11.27 31.62
N GLY B 96 -2.59 11.74 32.84
CA GLY B 96 -3.31 10.91 33.79
C GLY B 96 -4.73 10.62 33.35
N VAL B 97 -5.38 11.59 32.71
CA VAL B 97 -6.75 11.37 32.22
C VAL B 97 -6.76 10.25 31.19
N ILE B 98 -5.84 10.29 30.23
CA ILE B 98 -5.81 9.26 29.19
C ILE B 98 -5.49 7.91 29.81
N LYS B 99 -4.49 7.86 30.69
CA LYS B 99 -4.08 6.60 31.29
C LYS B 99 -5.25 5.92 32.00
N GLN B 100 -6.07 6.70 32.70
CA GLN B 100 -7.19 6.11 33.44
C GLN B 100 -8.21 5.47 32.50
N ALA B 101 -8.34 5.99 31.28
CA ALA B 101 -9.35 5.52 30.34
C ALA B 101 -8.82 4.52 29.33
N SER B 102 -7.51 4.40 29.17
CA SER B 102 -6.93 3.58 28.12
C SER B 102 -5.57 3.06 28.55
N ASP B 103 -5.21 1.88 28.06
CA ASP B 103 -3.88 1.32 28.27
C ASP B 103 -2.98 1.55 27.06
N ALA B 104 -3.31 2.52 26.21
CA ALA B 104 -2.47 2.85 25.07
C ALA B 104 -1.11 3.35 25.55
N VAL B 105 -0.09 3.15 24.71
CA VAL B 105 1.22 3.70 24.99
C VAL B 105 1.19 5.20 24.74
N LEU B 106 1.61 5.98 25.72
CA LEU B 106 1.64 7.43 25.60
C LEU B 106 3.05 7.88 25.23
N ASN B 107 3.15 8.62 24.14
CA ASN B 107 4.42 9.01 23.53
C ASN B 107 4.51 10.53 23.60
N ILE B 108 5.44 11.04 24.42
CA ILE B 108 5.54 12.46 24.69
C ILE B 108 6.57 13.08 23.76
N THR B 109 6.20 14.22 23.16
CA THR B 109 7.11 14.90 22.26
C THR B 109 8.30 15.48 23.02
N THR B 110 9.48 15.41 22.41
CA THR B 110 10.62 16.21 22.83
C THR B 110 10.97 17.27 21.81
N GLY B 111 10.15 17.42 20.76
CA GLY B 111 10.37 18.42 19.74
C GLY B 111 9.56 19.67 19.98
N GLY B 112 8.28 19.50 20.33
CA GLY B 112 7.40 20.65 20.46
C GLY B 112 7.38 21.45 19.18
N ALA B 113 7.28 22.76 19.31
CA ALA B 113 7.42 23.62 18.14
C ALA B 113 8.89 23.60 17.69
N PRO B 114 9.15 23.58 16.38
CA PRO B 114 10.53 23.47 15.89
C PRO B 114 11.44 24.63 16.28
N THR B 115 10.94 25.67 16.98
CA THR B 115 11.71 26.84 17.34
C THR B 115 12.12 26.85 18.81
N MET B 116 12.30 25.68 19.42
CA MET B 116 12.49 25.55 20.85
C MET B 116 13.86 24.96 21.19
N SER B 117 14.21 25.05 22.49
CA SER B 117 15.51 24.66 23.01
C SER B 117 15.48 23.21 23.51
N ILE B 118 16.58 22.72 24.11
CA ILE B 118 16.73 21.29 24.36
C ILE B 118 16.46 20.90 25.81
N ALA B 119 17.43 21.12 26.69
CA ALA B 119 17.26 20.69 28.09
C ALA B 119 15.89 21.05 28.62
N GLU B 120 15.30 22.12 28.10
CA GLU B 120 13.92 22.47 28.43
C GLU B 120 12.93 21.60 27.65
N ARG B 121 13.19 21.34 26.37
CA ARG B 121 12.24 20.54 25.58
C ARG B 121 12.08 19.14 26.15
N ILE B 122 13.11 18.61 26.81
CA ILE B 122 13.04 17.26 27.35
C ILE B 122 12.43 17.21 28.73
N GLN B 123 12.03 18.35 29.29
CA GLN B 123 11.57 18.36 30.68
C GLN B 123 10.28 17.58 30.87
N PRO B 124 9.24 17.76 30.05
CA PRO B 124 8.04 16.92 30.20
C PRO B 124 8.36 15.43 30.24
N ALA B 125 9.09 14.92 29.25
CA ALA B 125 9.45 13.51 29.25
C ALA B 125 10.36 13.17 30.42
N GLN B 126 11.25 14.10 30.80
CA GLN B 126 12.13 13.86 31.93
C GLN B 126 11.34 13.67 33.21
N HIS B 127 10.34 14.53 33.45
CA HIS B 127 9.55 14.45 34.67
C HIS B 127 8.62 13.24 34.66
N TYR B 128 7.89 13.03 33.56
CA TYR B 128 6.85 12.02 33.53
C TYR B 128 7.37 10.61 33.24
N ARG B 129 8.59 10.49 32.74
CA ARG B 129 9.20 9.19 32.46
C ARG B 129 8.24 8.28 31.68
N PRO B 130 7.82 8.70 30.49
CA PRO B 130 6.90 7.87 29.70
C PRO B 130 7.61 6.66 29.12
N GLU B 131 6.79 5.74 28.59
CA GLU B 131 7.34 4.60 27.88
C GLU B 131 8.04 5.02 26.60
N LEU B 132 7.50 6.03 25.91
CA LEU B 132 8.01 6.48 24.63
C LEU B 132 8.13 7.99 24.62
N ALA B 133 9.21 8.47 23.99
CA ALA B 133 9.36 9.89 23.68
C ALA B 133 9.88 10.01 22.26
N SER B 134 9.42 11.04 21.54
CA SER B 134 9.95 11.30 20.23
C SER B 134 11.37 11.85 20.33
N LEU B 135 12.15 11.62 19.29
CA LEU B 135 13.55 12.07 19.27
C LEU B 135 13.91 12.40 17.83
N ASN B 136 14.03 13.69 17.53
CA ASN B 136 14.35 14.13 16.18
C ASN B 136 15.86 14.08 15.97
N MET B 137 16.27 13.56 14.81
CA MET B 137 17.62 13.05 14.62
C MET B 137 18.53 13.98 13.82
N GLY B 138 18.08 15.19 13.51
CA GLY B 138 18.94 16.09 12.77
C GLY B 138 18.41 17.52 12.78
N THR B 139 19.32 18.46 12.60
CA THR B 139 18.96 19.86 12.42
C THR B 139 18.54 20.10 10.98
N MET B 140 17.44 20.82 10.81
CA MET B 140 16.85 20.99 9.50
C MET B 140 16.08 22.31 9.44
N ASN B 141 15.90 22.81 8.22
CA ASN B 141 14.94 23.85 7.99
C ASN B 141 13.52 23.30 8.12
N PHE B 142 12.61 24.14 8.62
CA PHE B 142 11.17 23.85 8.68
C PHE B 142 10.48 24.95 7.87
N GLY B 143 9.77 24.57 6.82
CA GLY B 143 9.09 25.50 5.94
C GLY B 143 7.59 25.38 6.11
N LEU B 144 6.95 26.50 6.42
CA LEU B 144 5.48 26.57 6.57
C LEU B 144 4.92 27.74 5.76
N PHE B 145 5.73 28.62 5.18
CA PHE B 145 5.23 29.81 4.49
C PHE B 145 4.48 29.46 3.20
N PRO B 146 4.66 28.27 2.62
CA PRO B 146 3.69 27.85 1.59
C PRO B 146 2.33 27.52 2.19
N MET B 147 2.32 26.91 3.38
CA MET B 147 1.07 26.77 4.12
C MET B 147 0.34 28.10 4.25
N LEU B 148 1.09 29.20 4.24
CA LEU B 148 0.48 30.52 4.31
C LEU B 148 -0.33 30.83 3.05
N ASN B 149 0.06 30.26 1.91
CA ASN B 149 -0.62 30.56 0.66
C ASN B 149 -2.13 30.42 0.77
N ARG B 150 -2.58 29.30 1.34
CA ARG B 150 -4.01 29.01 1.38
C ARG B 150 -4.70 29.55 2.63
N TYR B 151 -4.01 29.60 3.77
CA TYR B 151 -4.64 29.93 5.04
C TYR B 151 -4.51 31.40 5.43
N GLU B 152 -3.69 32.19 4.73
CA GLU B 152 -3.40 33.53 5.20
C GLU B 152 -4.66 34.36 5.41
N SER B 153 -5.73 34.07 4.66
CA SER B 153 -6.93 34.88 4.76
C SER B 153 -7.61 34.72 6.11
N GLN B 154 -7.57 33.52 6.68
CA GLN B 154 -8.41 33.17 7.82
C GLN B 154 -7.63 33.08 9.14
N LEU B 155 -6.43 33.64 9.19
CA LEU B 155 -5.61 33.56 10.40
C LEU B 155 -6.09 34.60 11.41
N LYS B 156 -6.50 34.11 12.59
CA LYS B 156 -7.07 34.96 13.63
C LYS B 156 -6.01 35.56 14.55
N HIS B 157 -5.03 34.76 14.96
CA HIS B 157 -4.03 35.19 15.94
C HIS B 157 -2.77 35.67 15.25
N GLN B 158 -2.17 36.73 15.81
CA GLN B 158 -0.94 37.28 15.24
C GLN B 158 0.18 36.25 15.26
N TRP B 159 0.25 35.43 16.31
CA TRP B 159 1.32 34.44 16.38
C TRP B 159 1.24 33.45 15.23
N GLU B 160 0.05 33.23 14.68
CA GLU B 160 -0.09 32.35 13.52
C GLU B 160 0.54 32.99 12.28
N ARG B 161 0.34 34.29 12.09
CA ARG B 161 0.90 34.97 10.94
C ARG B 161 2.42 35.02 11.00
N ASN B 162 2.97 35.31 12.19
CA ASN B 162 4.43 35.32 12.33
C ASN B 162 5.02 33.92 12.18
N TYR B 163 4.34 32.92 12.75
CA TYR B 163 4.84 31.55 12.70
C TYR B 163 4.91 31.04 11.27
N LEU B 164 3.81 31.14 10.54
CA LEU B 164 3.75 30.58 9.19
C LEU B 164 4.56 31.38 8.20
N GLY B 165 4.68 32.70 8.40
CA GLY B 165 5.47 33.51 7.51
C GLY B 165 6.96 33.48 7.75
N ASN B 166 7.41 32.78 8.78
CA ASN B 166 8.82 32.77 9.17
C ASN B 166 9.61 31.88 8.21
N LYS B 167 10.48 32.48 7.40
CA LYS B 167 11.33 31.75 6.48
C LYS B 167 12.65 31.34 7.10
N ASP B 168 12.82 31.50 8.41
CA ASP B 168 14.09 31.26 9.08
C ASP B 168 13.96 30.25 10.21
N ILE B 169 12.96 29.38 10.16
CA ILE B 169 12.79 28.37 11.20
C ILE B 169 13.87 27.31 11.07
N ILE B 170 14.55 27.03 12.18
CA ILE B 170 15.57 26.00 12.25
C ILE B 170 15.20 25.06 13.38
N PHE B 171 14.88 23.82 13.05
CA PHE B 171 14.60 22.79 14.05
C PHE B 171 15.93 22.20 14.49
N ARG B 172 16.39 22.60 15.67
CA ARG B 172 17.74 22.27 16.13
C ARG B 172 17.77 20.92 16.81
N ASN B 173 18.68 20.04 16.35
CA ASN B 173 18.95 18.74 16.94
C ASN B 173 20.38 18.35 16.59
N THR B 174 21.34 18.99 17.25
CA THR B 174 22.74 18.70 17.00
C THR B 174 23.11 17.31 17.51
N PHE B 175 24.28 16.84 17.09
CA PHE B 175 24.79 15.58 17.64
C PHE B 175 24.90 15.64 19.15
N GLY B 176 25.35 16.77 19.69
CA GLY B 176 25.43 16.92 21.13
C GLY B 176 24.06 16.95 21.79
N ASP B 177 23.10 17.63 21.17
CA ASP B 177 21.74 17.65 21.70
C ASP B 177 21.17 16.24 21.79
N VAL B 178 21.25 15.49 20.68
CA VAL B 178 20.67 14.15 20.65
C VAL B 178 21.33 13.24 21.67
N GLU B 179 22.66 13.30 21.75
CA GLU B 179 23.37 12.51 22.74
C GLU B 179 22.88 12.83 24.15
N HIS B 180 22.58 14.10 24.40
CA HIS B 180 22.08 14.51 25.72
C HIS B 180 20.72 13.90 26.01
N VAL B 181 19.83 13.89 25.02
CA VAL B 181 18.48 13.34 25.24
C VAL B 181 18.55 11.85 25.52
N MET B 182 19.30 11.12 24.71
CA MET B 182 19.43 9.67 24.90
C MET B 182 19.88 9.34 26.31
N THR B 183 20.91 10.05 26.79
CA THR B 183 21.41 9.79 28.14
C THR B 183 20.38 10.16 29.19
N THR B 184 19.88 11.40 29.15
CA THR B 184 18.99 11.89 30.18
C THR B 184 17.71 11.08 30.25
N LEU B 185 17.05 10.89 29.09
CA LEU B 185 15.75 10.22 29.09
C LEU B 185 15.89 8.70 29.18
N GLY B 186 16.99 8.14 28.68
CA GLY B 186 17.20 6.71 28.85
C GLY B 186 17.23 6.29 30.31
N ALA B 187 17.66 7.18 31.19
CA ALA B 187 17.75 6.85 32.60
C ALA B 187 16.39 6.72 33.27
N GLY B 188 15.34 7.23 32.65
CA GLY B 188 13.99 7.07 33.14
C GLY B 188 13.28 5.84 32.61
N GLY B 189 13.99 4.96 31.91
CA GLY B 189 13.37 3.83 31.26
C GLY B 189 12.66 4.15 29.96
N THR B 190 12.73 5.40 29.50
CA THR B 190 12.05 5.82 28.29
C THR B 190 12.82 5.36 27.06
N ARG B 191 12.12 4.70 26.15
CA ARG B 191 12.63 4.39 24.82
C ARG B 191 12.10 5.42 23.83
N PHE B 192 12.70 5.45 22.65
CA PHE B 192 12.49 6.56 21.74
C PHE B 192 11.83 6.13 20.44
N GLU B 193 11.06 7.06 19.88
CA GLU B 193 10.62 7.01 18.50
C GLU B 193 11.55 7.95 17.73
N PHE B 194 12.49 7.38 16.98
CA PHE B 194 13.49 8.17 16.27
C PHE B 194 12.86 8.76 15.01
N GLU B 195 12.71 10.09 15.01
CA GLU B 195 12.08 10.79 13.90
C GLU B 195 13.13 11.11 12.86
N CYS B 196 12.97 10.55 11.66
CA CYS B 196 13.96 10.67 10.59
C CYS B 196 13.29 11.29 9.37
N TYR B 197 13.70 12.51 9.05
CA TYR B 197 13.09 13.30 7.97
C TYR B 197 13.85 13.22 6.65
N ASP B 198 15.00 12.55 6.62
CA ASP B 198 15.77 12.40 5.40
C ASP B 198 16.86 11.36 5.65
N THR B 199 17.61 11.04 4.60
CA THR B 199 18.61 9.97 4.69
C THR B 199 19.63 10.27 5.77
N SER B 200 20.05 11.54 5.90
CA SER B 200 21.09 11.89 6.85
C SER B 200 20.68 11.54 8.28
N HIS B 201 19.38 11.57 8.59
CA HIS B 201 18.95 11.26 9.94
C HIS B 201 19.11 9.78 10.25
N LEU B 202 18.92 8.92 9.25
CA LEU B 202 19.21 7.50 9.45
C LEU B 202 20.69 7.27 9.69
N TYR B 203 21.54 7.96 8.93
CA TYR B 203 22.98 7.85 9.16
C TYR B 203 23.37 8.44 10.52
N ASN B 204 22.75 9.55 10.90
CA ASN B 204 22.99 10.09 12.24
C ASN B 204 22.64 9.06 13.31
N LEU B 205 21.50 8.36 13.14
CA LEU B 205 21.11 7.34 14.11
C LEU B 205 22.08 6.18 14.11
N LYS B 206 22.61 5.82 12.93
CA LYS B 206 23.58 4.74 12.85
C LYS B 206 24.84 5.06 13.67
N HIS B 207 25.23 6.33 13.70
CA HIS B 207 26.39 6.73 14.48
C HIS B 207 26.19 6.44 15.97
N PHE B 208 25.01 6.78 16.50
CA PHE B 208 24.74 6.54 17.91
C PHE B 208 24.53 5.06 18.19
N TYR B 209 23.85 4.36 17.27
CA TYR B 209 23.63 2.93 17.43
C TYR B 209 24.95 2.18 17.54
N ASP B 210 25.92 2.53 16.68
CA ASP B 210 27.21 1.84 16.71
C ASP B 210 27.97 2.13 17.99
N ARG B 211 27.83 3.33 18.55
CA ARG B 211 28.46 3.65 19.83
C ARG B 211 27.75 3.02 21.01
N GLY B 212 26.60 2.39 20.80
CA GLY B 212 25.88 1.73 21.89
C GLY B 212 25.05 2.66 22.74
N LEU B 213 24.80 3.89 22.28
CA LEU B 213 24.02 4.83 23.07
C LEU B 213 22.52 4.55 23.00
N VAL B 214 22.08 3.74 22.03
CA VAL B 214 20.71 3.24 22.00
C VAL B 214 20.76 1.78 21.59
N LYS B 215 19.97 0.95 22.28
CA LYS B 215 19.91 -0.47 22.00
C LYS B 215 18.62 -0.81 21.25
N GLY B 216 18.71 -1.80 20.37
CA GLY B 216 17.56 -2.24 19.61
C GLY B 216 16.52 -2.89 20.50
N PRO B 217 15.31 -3.11 19.97
CA PRO B 217 14.89 -2.74 18.62
C PRO B 217 14.60 -1.25 18.47
N LEU B 218 15.09 -0.64 17.40
CA LEU B 218 14.93 0.80 17.20
C LEU B 218 13.57 1.09 16.56
N PHE B 219 12.81 1.98 17.18
CA PHE B 219 11.53 2.43 16.62
C PHE B 219 11.84 3.63 15.73
N ILE B 220 12.04 3.37 14.44
CA ILE B 220 12.45 4.38 13.48
C ILE B 220 11.22 4.84 12.72
N GLN B 221 10.93 6.14 12.80
CA GLN B 221 9.81 6.76 12.09
C GLN B 221 10.36 7.65 10.98
N THR B 222 10.08 7.28 9.74
CA THR B 222 10.51 8.04 8.57
C THR B 222 9.40 8.99 8.16
N VAL B 223 9.69 10.29 8.14
CA VAL B 223 8.70 11.35 7.94
C VAL B 223 8.84 11.91 6.54
N PHE B 224 7.74 11.88 5.78
CA PHE B 224 7.73 12.26 4.37
C PHE B 224 6.82 13.47 4.15
N GLY B 225 7.24 14.36 3.26
CA GLY B 225 6.39 15.41 2.75
C GLY B 225 6.55 16.78 3.36
N LEU B 226 7.44 16.96 4.34
CA LEU B 226 7.62 18.26 4.97
C LEU B 226 8.59 19.12 4.17
N MET B 227 8.28 20.40 4.08
CA MET B 227 9.21 21.36 3.49
C MET B 227 10.42 21.51 4.41
N GLY B 228 11.59 21.13 3.92
CA GLY B 228 12.79 21.01 4.73
C GLY B 228 13.21 19.57 4.95
N GLY B 229 12.33 18.61 4.66
CA GLY B 229 12.67 17.22 4.73
C GLY B 229 12.57 16.53 3.38
N ILE B 230 12.66 15.21 3.36
CA ILE B 230 12.48 14.46 2.13
C ILE B 230 11.03 14.53 1.69
N GLY B 231 10.80 14.37 0.39
CA GLY B 231 9.46 14.40 -0.17
C GLY B 231 8.70 13.11 0.10
N ALA B 232 7.56 12.99 -0.58
CA ALA B 232 6.63 11.87 -0.37
C ALA B 232 6.48 11.01 -1.61
N HIS B 233 7.40 11.11 -2.57
CA HIS B 233 7.36 10.24 -3.74
C HIS B 233 7.61 8.79 -3.32
N PRO B 234 7.00 7.82 -4.00
CA PRO B 234 7.26 6.42 -3.64
C PRO B 234 8.73 6.04 -3.64
N ASP B 235 9.54 6.61 -4.53
CA ASP B 235 10.98 6.37 -4.50
C ASP B 235 11.59 6.89 -3.20
N ASP B 236 11.08 8.00 -2.67
CA ASP B 236 11.56 8.49 -1.38
C ASP B 236 11.28 7.47 -0.28
N VAL B 237 10.08 6.90 -0.27
CA VAL B 237 9.73 5.90 0.74
C VAL B 237 10.68 4.71 0.64
N LEU B 238 10.83 4.15 -0.55
CA LEU B 238 11.68 2.95 -0.72
C LEU B 238 13.13 3.29 -0.35
N HIS B 239 13.60 4.48 -0.68
CA HIS B 239 14.97 4.86 -0.35
C HIS B 239 15.20 4.83 1.15
N MET B 240 14.28 5.43 1.91
CA MET B 240 14.42 5.41 3.37
C MET B 240 14.34 4.00 3.91
N LYS B 241 13.44 3.17 3.36
CA LYS B 241 13.33 1.79 3.81
C LYS B 241 14.61 1.02 3.51
N ARG B 242 15.09 1.08 2.26
CA ARG B 242 16.32 0.40 1.89
C ARG B 242 17.47 0.82 2.81
N THR B 243 17.61 2.12 3.03
CA THR B 243 18.71 2.62 3.86
C THR B 243 18.61 2.07 5.27
N ALA B 244 17.40 2.11 5.85
CA ALA B 244 17.22 1.58 7.20
C ALA B 244 17.53 0.09 7.24
N ASP B 245 17.06 -0.66 6.24
CA ASP B 245 17.37 -2.09 6.20
C ASP B 245 18.88 -2.33 6.18
N ARG B 246 19.61 -1.55 5.39
CA ARG B 246 21.04 -1.77 5.27
C ARG B 246 21.81 -1.34 6.53
N LEU B 247 21.35 -0.29 7.21
CA LEU B 247 22.08 0.20 8.37
C LEU B 247 21.74 -0.54 9.65
N PHE B 248 20.50 -1.01 9.80
CA PHE B 248 20.05 -1.60 11.06
C PHE B 248 19.53 -3.02 10.94
N GLY B 249 19.42 -3.56 9.72
CA GLY B 249 19.06 -4.96 9.56
C GLY B 249 17.72 -5.28 10.18
N GLN B 250 17.73 -6.26 11.09
CA GLN B 250 16.53 -6.74 11.76
C GLN B 250 16.30 -6.09 13.11
N ASP B 251 17.19 -5.19 13.53
CA ASP B 251 17.15 -4.59 14.86
C ASP B 251 16.35 -3.30 14.90
N TYR B 252 15.34 -3.16 14.04
CA TYR B 252 14.52 -1.95 14.05
C TYR B 252 13.11 -2.29 13.61
N ARG B 253 12.18 -1.43 14.03
CA ARG B 253 10.78 -1.49 13.61
C ARG B 253 10.48 -0.22 12.83
N TRP B 254 9.89 -0.37 11.65
CA TRP B 254 9.70 0.72 10.72
C TRP B 254 8.29 1.29 10.87
N SER B 255 8.21 2.61 11.05
CA SER B 255 6.94 3.32 11.00
C SER B 255 7.10 4.50 10.04
N VAL B 256 5.99 4.89 9.42
CA VAL B 256 5.99 5.96 8.43
C VAL B 256 5.02 7.05 8.87
N LEU B 257 5.32 8.27 8.44
CA LEU B 257 4.46 9.42 8.62
C LEU B 257 4.38 10.14 7.27
N GLY B 258 3.22 10.09 6.64
CA GLY B 258 3.00 10.83 5.41
C GLY B 258 2.24 12.11 5.66
N ALA B 259 2.90 13.25 5.45
CA ALA B 259 2.28 14.53 5.73
C ALA B 259 1.11 14.80 4.79
N GLY B 260 0.10 15.48 5.32
CA GLY B 260 -1.00 15.95 4.51
C GLY B 260 -1.67 14.84 3.72
N ARG B 261 -1.88 15.11 2.43
CA ARG B 261 -2.63 14.21 1.56
C ARG B 261 -1.93 12.88 1.32
N ASN B 262 -0.64 12.77 1.66
CA ASN B 262 0.10 11.53 1.48
C ASN B 262 -0.08 10.56 2.63
N GLN B 263 -0.86 10.93 3.65
CA GLN B 263 -0.90 10.16 4.88
C GLN B 263 -1.29 8.71 4.63
N LEU B 264 -2.42 8.48 3.96
CA LEU B 264 -2.92 7.12 3.80
C LEU B 264 -2.19 6.36 2.70
N ASN B 265 -1.77 7.04 1.63
CA ASN B 265 -0.96 6.36 0.62
C ASN B 265 0.29 5.76 1.24
N ILE B 266 1.05 6.57 1.97
CA ILE B 266 2.30 6.11 2.56
C ILE B 266 2.04 5.10 3.67
N ALA B 267 0.97 5.27 4.44
CA ALA B 267 0.59 4.25 5.41
C ALA B 267 0.36 2.91 4.74
N ALA B 268 -0.32 2.91 3.59
CA ALA B 268 -0.61 1.65 2.90
C ALA B 268 0.66 0.99 2.39
N MET B 269 1.58 1.78 1.82
CA MET B 269 2.87 1.23 1.41
C MET B 269 3.56 0.53 2.58
N SER B 270 3.63 1.20 3.72
CA SER B 270 4.31 0.63 4.88
C SER B 270 3.64 -0.65 5.33
N ALA B 271 2.32 -0.59 5.57
CA ALA B 271 1.58 -1.78 5.98
C ALA B 271 1.83 -2.94 5.03
N ALA B 272 1.90 -2.64 3.73
CA ALA B 272 2.12 -3.68 2.72
C ALA B 272 3.56 -4.18 2.70
N MET B 273 4.49 -3.44 3.30
CA MET B 273 5.91 -3.78 3.27
C MET B 273 6.43 -4.26 4.62
N GLY B 274 5.54 -4.55 5.56
CA GLY B 274 5.96 -5.03 6.87
C GLY B 274 6.21 -3.96 7.91
N GLY B 275 5.82 -2.72 7.64
CA GLY B 275 6.02 -1.63 8.58
C GLY B 275 4.75 -1.23 9.31
N HIS B 276 4.87 -0.13 10.06
CA HIS B 276 3.80 0.39 10.89
C HIS B 276 3.45 1.81 10.43
N VAL B 277 2.35 2.35 10.95
CA VAL B 277 1.75 3.55 10.38
C VAL B 277 1.45 4.57 11.47
N ARG B 278 1.60 5.84 11.12
CA ARG B 278 1.21 6.95 11.96
C ARG B 278 0.19 7.80 11.23
N VAL B 279 -0.90 8.14 11.92
CA VAL B 279 -1.90 9.07 11.39
C VAL B 279 -2.12 10.15 12.43
N GLY B 280 -3.10 11.04 12.17
CA GLY B 280 -3.48 12.03 13.15
C GLY B 280 -3.54 13.44 12.61
N LEU B 281 -4.33 14.30 13.26
CA LEU B 281 -4.46 15.69 12.85
C LEU B 281 -3.20 16.51 13.05
N GLU B 282 -2.22 16.00 13.81
CA GLU B 282 -0.90 16.65 13.84
C GLU B 282 -0.27 16.66 12.46
N ASP B 283 -0.57 15.64 11.65
CA ASP B 283 0.11 15.43 10.38
C ASP B 283 -0.74 15.76 9.16
N ASN B 284 -2.06 15.70 9.28
CA ASN B 284 -2.94 15.92 8.13
C ASN B 284 -4.31 16.36 8.62
N LEU B 285 -4.77 17.49 8.11
CA LEU B 285 -6.07 18.04 8.51
C LEU B 285 -7.21 17.61 7.60
N TRP B 286 -6.92 16.88 6.52
CA TRP B 286 -7.89 16.64 5.46
C TRP B 286 -8.37 15.21 5.47
N ALA B 287 -9.65 15.02 5.15
CA ALA B 287 -10.25 13.70 4.99
C ALA B 287 -10.37 13.31 3.52
N GLY B 288 -10.98 14.18 2.72
CA GLY B 288 -11.08 13.96 1.28
C GLY B 288 -10.83 15.24 0.51
N LYS B 289 -11.61 15.48 -0.53
CA LYS B 289 -11.44 16.66 -1.37
C LYS B 289 -12.21 17.82 -0.74
N GLY B 290 -11.48 18.84 -0.29
CA GLY B 290 -12.09 19.99 0.36
C GLY B 290 -12.81 19.66 1.65
N ARG B 291 -12.56 18.46 2.20
CA ARG B 291 -13.23 18.00 3.40
C ARG B 291 -12.21 17.86 4.53
N LEU B 292 -12.40 18.62 5.59
CA LEU B 292 -11.56 18.49 6.77
C LEU B 292 -11.88 17.22 7.55
N ALA B 293 -10.85 16.58 8.09
CA ALA B 293 -11.05 15.49 9.03
C ALA B 293 -11.61 16.04 10.34
N GLU B 294 -12.67 15.40 10.85
CA GLU B 294 -13.34 15.90 12.03
C GLU B 294 -12.82 15.29 13.33
N THR B 295 -12.27 14.07 13.28
CA THR B 295 -11.66 13.47 14.45
C THR B 295 -10.37 12.75 14.07
N ASN B 296 -9.53 12.55 15.08
CA ASN B 296 -8.39 11.64 14.93
C ASN B 296 -8.86 10.20 14.73
N ALA B 297 -9.88 9.78 15.47
CA ALA B 297 -10.38 8.42 15.33
C ALA B 297 -10.74 8.10 13.89
N GLN B 298 -11.21 9.10 13.15
CA GLN B 298 -11.60 8.91 11.76
C GLN B 298 -10.42 8.48 10.91
N GLN B 299 -9.24 9.08 11.13
CA GLN B 299 -8.06 8.66 10.39
C GLN B 299 -7.56 7.31 10.86
N VAL B 300 -7.71 6.99 12.15
CA VAL B 300 -7.35 5.66 12.64
C VAL B 300 -8.22 4.60 11.98
N ARG B 301 -9.53 4.83 11.89
CA ARG B 301 -10.42 3.88 11.26
C ARG B 301 -10.02 3.62 9.80
N ALA B 302 -9.60 4.67 9.09
CA ALA B 302 -9.19 4.49 7.70
C ALA B 302 -7.96 3.60 7.61
N ALA B 303 -6.91 3.93 8.36
CA ALA B 303 -5.71 3.09 8.38
C ALA B 303 -6.06 1.66 8.77
N ARG B 304 -6.97 1.49 9.72
CA ARG B 304 -7.37 0.15 10.15
C ARG B 304 -8.06 -0.61 9.03
N GLN B 305 -8.93 0.07 8.27
CA GLN B 305 -9.56 -0.58 7.12
C GLN B 305 -8.52 -1.07 6.13
N ILE B 306 -7.48 -0.27 5.88
CA ILE B 306 -6.40 -0.70 4.99
C ILE B 306 -5.69 -1.91 5.59
N VAL B 307 -5.31 -1.82 6.86
CA VAL B 307 -4.58 -2.91 7.51
C VAL B 307 -5.36 -4.22 7.41
N GLU B 308 -6.66 -4.17 7.72
CA GLU B 308 -7.45 -5.38 7.74
C GLU B 308 -7.81 -5.85 6.32
N GLY B 309 -8.00 -4.93 5.39
CA GLY B 309 -8.14 -5.32 4.00
C GLY B 309 -6.96 -6.11 3.50
N LEU B 310 -5.77 -5.79 3.99
CA LEU B 310 -4.56 -6.54 3.64
C LEU B 310 -4.50 -7.91 4.28
N GLY B 311 -5.44 -8.26 5.14
CA GLY B 311 -5.37 -9.51 5.87
C GLY B 311 -4.49 -9.47 7.09
N LEU B 312 -4.15 -8.28 7.58
CA LEU B 312 -3.36 -8.11 8.78
C LEU B 312 -4.28 -7.68 9.93
N GLU B 313 -3.68 -7.53 11.12
CA GLU B 313 -4.41 -7.12 12.30
C GLU B 313 -3.72 -5.92 12.93
N VAL B 314 -4.52 -5.07 13.57
CA VAL B 314 -3.99 -3.90 14.26
C VAL B 314 -3.43 -4.34 15.61
N ALA B 315 -2.27 -3.80 15.96
CA ALA B 315 -1.63 -4.16 17.22
C ALA B 315 -2.36 -3.52 18.39
N THR B 316 -2.56 -4.31 19.45
CA THR B 316 -3.03 -3.78 20.72
C THR B 316 -1.88 -3.04 21.40
N PRO B 317 -2.18 -2.24 22.42
CA PRO B 317 -1.08 -1.64 23.20
C PRO B 317 -0.13 -2.68 23.77
N ALA B 318 -0.65 -3.83 24.20
CA ALA B 318 0.22 -4.86 24.76
C ALA B 318 1.13 -5.46 23.70
N GLU B 319 0.66 -5.58 22.46
CA GLU B 319 1.49 -6.09 21.38
C GLU B 319 2.51 -5.05 20.93
N ALA B 320 2.15 -3.76 20.97
CA ALA B 320 3.11 -2.71 20.68
C ALA B 320 4.24 -2.72 21.70
N ARG B 321 3.90 -2.85 22.98
CA ARG B 321 4.92 -2.85 24.02
C ARG B 321 5.93 -3.97 23.83
N GLU B 322 5.48 -5.12 23.32
CA GLU B 322 6.39 -6.23 23.08
C GLU B 322 7.24 -5.99 21.83
N LEU B 323 6.64 -5.48 20.77
CA LEU B 323 7.39 -5.20 19.55
C LEU B 323 8.45 -4.14 19.77
N LEU B 324 8.18 -3.19 20.66
CA LEU B 324 9.05 -2.04 20.87
C LEU B 324 9.88 -2.13 22.15
N ALA B 325 9.65 -3.15 22.98
CA ALA B 325 10.44 -3.38 24.20
C ALA B 325 10.21 -2.29 25.24
N LEU B 326 8.96 -1.91 25.46
CA LEU B 326 8.64 -0.83 26.38
C LEU B 326 8.47 -1.36 27.81
N LYS B 327 8.51 -0.44 28.77
CA LYS B 327 8.56 -0.80 30.18
C LYS B 327 7.18 -1.07 30.79
N GLY B 328 6.10 -0.68 30.13
CA GLY B 328 4.77 -0.92 30.66
C GLY B 328 4.09 0.39 31.03
N GLY B 329 2.79 0.45 30.76
CA GLY B 329 2.03 1.67 31.02
C GLY B 329 1.84 2.00 32.48
N ASP B 330 2.16 1.06 33.38
CA ASP B 330 2.05 1.29 34.81
C ASP B 330 3.37 1.68 35.45
N GLN B 331 4.47 1.66 34.71
CA GLN B 331 5.79 2.04 35.21
C GLN B 331 6.17 3.44 34.76
N VAL B 332 5.22 4.38 34.82
CA VAL B 332 5.45 5.76 34.44
C VAL B 332 5.19 6.66 35.65
N ASN B 333 5.40 7.96 35.49
CA ASN B 333 5.16 8.90 36.58
C ASN B 333 3.93 9.75 36.32
N PHE B 334 2.80 9.09 36.05
CA PHE B 334 1.52 9.77 35.93
C PHE B 334 0.39 8.74 35.99
#